data_2AB8
#
_entry.id   2AB8
#
_cell.length_a   60.489
_cell.length_b   61.488
_cell.length_c   91.605
_cell.angle_alpha   90.00
_cell.angle_beta   90.00
_cell.angle_gamma   90.00
#
_symmetry.space_group_name_H-M   'P 21 21 21'
#
loop_
_entity.id
_entity.type
_entity.pdbx_description
1 polymer 'adenosine kinase'
2 non-polymer 'CHLORIDE ION'
3 non-polymer 'SODIUM ION'
4 non-polymer 2-HYDROXYMETHYL-5-(6-METHYLSULFANYL-PURIN-9-YL)-TETRAHYDRO-FURAN-3,4-DIOL
5 non-polymer 'PHOSPHOMETHYLPHOSPHONIC ACID ADENYLATE ESTER'
6 water water
#
_entity_poly.entity_id   1
_entity_poly.type   'polypeptide(L)'
_entity_poly.pdbx_seq_one_letter_code
;MGSSHHHHHHSSGLVPRGSHMAVDSSNSATGPMRVFAIGNPILDLVAEVPSSFLDEFFLKRGDATLATPEQMRIYSTLDQ
FNPTSLPGGSALNSVRVVQKLLRKPGSAGYMGAIGDDPRGQVLKELCDKEGLATRFMVAPGQSTGVCAVLINEKERTLCT
HLGACGSFRLPEDWTTFASGALIFYATAYTLTATPKNALEVAGYAHGIPNAIFTLNLSAPFCVELYKDAMQSLLLHTNIL
FGNEEEFAHLAKVHNLVAAEKTALSTANKEHAVEVCTGALRLLTAGQNTSATKLVVMTRGHNPVIAAEQTADGTVVVHEV
GVPVVAAEKIVDTNGAGDAFVGGFLYALSQGKTVKQCIMCGNACAQDVIQHVGFSLSFTFTSG
;
_entity_poly.pdbx_strand_id   A
#
loop_
_chem_comp.id
_chem_comp.type
_chem_comp.name
_chem_comp.formula
ACP non-polymer 'PHOSPHOMETHYLPHOSPHONIC ACID ADENYLATE ESTER' 'C11 H18 N5 O12 P3'
CL non-polymer 'CHLORIDE ION' 'Cl -1'
MTP non-polymer 2-HYDROXYMETHYL-5-(6-METHYLSULFANYL-PURIN-9-YL)-TETRAHYDRO-FURAN-3,4-DIOL 'C11 H14 N4 O4 S'
NA non-polymer 'SODIUM ION' 'Na 1'
#
# COMPACT_ATOMS: atom_id res chain seq x y z
N THR A 30 -21.33 -12.23 0.10
CA THR A 30 -21.65 -11.89 1.52
C THR A 30 -20.64 -12.53 2.47
N GLY A 31 -19.37 -12.48 2.10
CA GLY A 31 -18.34 -13.06 2.93
C GLY A 31 -17.90 -14.44 2.46
N PRO A 32 -17.00 -15.10 3.20
CA PRO A 32 -16.40 -14.61 4.43
C PRO A 32 -15.34 -13.54 4.17
N MET A 33 -15.24 -12.54 5.05
CA MET A 33 -14.24 -11.50 4.86
C MET A 33 -12.90 -12.04 5.34
N ARG A 34 -11.91 -12.04 4.45
CA ARG A 34 -10.59 -12.55 4.80
C ARG A 34 -9.57 -11.48 5.13
N VAL A 35 -9.76 -10.30 4.54
CA VAL A 35 -8.84 -9.18 4.75
C VAL A 35 -9.58 -7.87 4.94
N PHE A 36 -9.17 -7.11 5.94
CA PHE A 36 -9.76 -5.81 6.22
C PHE A 36 -8.68 -4.75 6.16
N ALA A 37 -8.95 -3.64 5.46
CA ALA A 37 -7.95 -2.58 5.37
C ALA A 37 -8.54 -1.20 5.53
N ILE A 38 -7.70 -0.26 5.95
CA ILE A 38 -8.11 1.14 6.05
C ILE A 38 -7.15 1.86 5.11
N GLY A 39 -7.62 2.95 4.50
CA GLY A 39 -6.74 3.68 3.60
C GLY A 39 -7.33 5.02 3.21
N ASN A 40 -6.70 5.66 2.21
CA ASN A 40 -7.17 6.93 1.69
C ASN A 40 -7.78 6.60 0.34
N PRO A 41 -9.13 6.58 0.26
CA PRO A 41 -9.79 6.27 -1.01
C PRO A 41 -9.64 7.43 -1.98
N ILE A 42 -9.07 7.13 -3.14
CA ILE A 42 -8.80 8.15 -4.14
C ILE A 42 -9.30 7.75 -5.53
N LEU A 43 -9.86 8.70 -6.25
CA LEU A 43 -10.33 8.42 -7.61
C LEU A 43 -9.22 8.86 -8.55
N ASP A 44 -8.70 7.92 -9.32
CA ASP A 44 -7.64 8.24 -10.28
C ASP A 44 -8.25 8.74 -11.58
N LEU A 45 -7.72 9.86 -12.08
CA LEU A 45 -8.17 10.43 -13.34
C LEU A 45 -7.00 10.28 -14.28
N VAL A 46 -7.07 9.28 -15.16
CA VAL A 46 -5.99 9.02 -16.10
C VAL A 46 -6.22 9.67 -17.45
N ALA A 47 -5.17 10.30 -17.98
CA ALA A 47 -5.27 10.96 -19.28
C ALA A 47 -3.91 11.31 -19.86
N GLU A 48 -3.81 11.25 -21.18
CA GLU A 48 -2.59 11.60 -21.88
C GLU A 48 -2.64 13.13 -22.03
N VAL A 49 -1.55 13.80 -21.71
CA VAL A 49 -1.50 15.25 -21.81
C VAL A 49 -0.22 15.74 -22.48
N PRO A 50 -0.26 16.94 -23.08
CA PRO A 50 0.92 17.52 -23.75
C PRO A 50 1.92 18.02 -22.72
N SER A 51 3.19 18.07 -23.11
CA SER A 51 4.24 18.53 -22.21
C SER A 51 3.92 19.92 -21.65
N SER A 52 3.22 20.73 -22.44
CA SER A 52 2.85 22.08 -22.02
C SER A 52 1.99 22.02 -20.76
N PHE A 53 1.34 20.89 -20.54
CA PHE A 53 0.49 20.72 -19.36
C PHE A 53 1.36 20.61 -18.11
N LEU A 54 2.33 19.70 -18.15
CA LEU A 54 3.23 19.51 -17.01
C LEU A 54 3.96 20.80 -16.66
N ASP A 55 4.39 21.54 -17.68
CA ASP A 55 5.11 22.79 -17.47
C ASP A 55 4.18 23.86 -16.93
N GLU A 56 2.95 23.86 -17.43
CA GLU A 56 1.93 24.83 -17.03
C GLU A 56 1.62 24.74 -15.53
N PHE A 57 1.67 23.53 -14.98
CA PHE A 57 1.39 23.32 -13.57
C PHE A 57 2.64 23.05 -12.75
N PHE A 58 3.79 23.41 -13.31
CA PHE A 58 5.07 23.24 -12.64
C PHE A 58 5.31 21.82 -12.12
N LEU A 59 5.00 20.84 -12.94
CA LEU A 59 5.16 19.43 -12.57
C LEU A 59 6.41 18.83 -13.20
N LYS A 60 7.08 17.96 -12.46
CA LYS A 60 8.27 17.30 -12.97
C LYS A 60 7.87 15.91 -13.46
N ARG A 61 8.04 15.67 -14.76
CA ARG A 61 7.68 14.40 -15.35
C ARG A 61 8.22 13.22 -14.54
N GLY A 62 7.34 12.27 -14.24
CA GLY A 62 7.74 11.09 -13.50
C GLY A 62 7.58 11.17 -11.99
N ASP A 63 7.42 12.37 -11.46
CA ASP A 63 7.27 12.54 -10.02
C ASP A 63 5.83 12.38 -9.53
N ALA A 64 5.68 11.88 -8.31
CA ALA A 64 4.37 11.68 -7.68
C ALA A 64 4.36 12.65 -6.49
N THR A 65 3.44 13.60 -6.52
CA THR A 65 3.38 14.58 -5.45
C THR A 65 1.97 14.94 -5.01
N LEU A 66 1.90 15.78 -3.97
CA LEU A 66 0.64 16.26 -3.44
C LEU A 66 0.45 17.65 -4.04
N ALA A 67 -0.74 17.91 -4.56
CA ALA A 67 -1.05 19.18 -5.20
C ALA A 67 -0.70 20.40 -4.37
N THR A 68 -0.02 21.35 -4.99
CA THR A 68 0.37 22.60 -4.34
C THR A 68 -0.79 23.56 -4.56
N PRO A 69 -0.81 24.69 -3.84
CA PRO A 69 -1.89 25.66 -4.01
C PRO A 69 -2.05 26.11 -5.47
N GLU A 70 -0.94 26.30 -6.17
CA GLU A 70 -0.98 26.73 -7.55
C GLU A 70 -1.45 25.66 -8.54
N GLN A 71 -1.60 24.43 -8.04
CA GLN A 71 -2.04 23.32 -8.89
C GLN A 71 -3.47 22.87 -8.62
N MET A 72 -4.19 23.61 -7.78
CA MET A 72 -5.56 23.23 -7.45
C MET A 72 -6.54 23.20 -8.60
N ARG A 73 -6.24 23.91 -9.68
CA ARG A 73 -7.15 23.92 -10.82
C ARG A 73 -6.78 22.84 -11.83
N ILE A 74 -5.81 21.99 -11.47
CA ILE A 74 -5.37 20.92 -12.36
C ILE A 74 -6.45 19.89 -12.71
N TYR A 75 -7.28 19.52 -11.73
CA TYR A 75 -8.32 18.52 -11.97
C TYR A 75 -9.40 19.03 -12.91
N SER A 76 -9.83 20.28 -12.72
CA SER A 76 -10.86 20.85 -13.58
C SER A 76 -10.27 21.04 -14.98
N THR A 77 -9.00 21.43 -15.03
CA THR A 77 -8.31 21.65 -16.30
C THR A 77 -8.09 20.34 -17.05
N LEU A 78 -7.96 19.24 -16.31
CA LEU A 78 -7.72 17.94 -16.90
C LEU A 78 -8.90 17.44 -17.74
N ASP A 79 -10.10 17.95 -17.44
CA ASP A 79 -11.31 17.55 -18.16
C ASP A 79 -11.22 17.72 -19.67
N GLN A 80 -10.49 18.74 -20.13
CA GLN A 80 -10.37 18.97 -21.56
C GLN A 80 -9.48 17.93 -22.23
N PHE A 81 -9.12 16.89 -21.49
CA PHE A 81 -8.28 15.83 -22.03
C PHE A 81 -8.97 14.47 -21.92
N ASN A 82 -10.29 14.51 -21.71
CA ASN A 82 -11.10 13.30 -21.62
C ASN A 82 -10.48 12.24 -20.71
N PRO A 83 -10.38 12.53 -19.40
CA PRO A 83 -9.82 11.59 -18.43
C PRO A 83 -10.73 10.39 -18.17
N THR A 84 -10.12 9.28 -17.75
CA THR A 84 -10.85 8.06 -17.42
C THR A 84 -10.83 7.91 -15.91
N SER A 85 -11.99 7.65 -15.31
CA SER A 85 -12.09 7.50 -13.87
C SER A 85 -11.97 6.05 -13.44
N LEU A 86 -11.03 5.78 -12.54
CA LEU A 86 -10.81 4.44 -12.03
C LEU A 86 -10.54 4.52 -10.54
N PRO A 87 -10.94 3.51 -9.76
CA PRO A 87 -10.67 3.59 -8.32
C PRO A 87 -9.17 3.57 -8.09
N GLY A 88 -8.72 4.38 -7.14
CA GLY A 88 -7.29 4.45 -6.83
C GLY A 88 -7.04 4.44 -5.34
N GLY A 89 -5.83 4.81 -4.94
CA GLY A 89 -5.48 4.80 -3.53
C GLY A 89 -4.68 3.54 -3.30
N SER A 90 -3.53 3.67 -2.64
CA SER A 90 -2.68 2.51 -2.39
C SER A 90 -3.37 1.30 -1.73
N ALA A 91 -3.89 1.49 -0.53
CA ALA A 91 -4.57 0.38 0.16
C ALA A 91 -5.75 -0.16 -0.62
N LEU A 92 -6.53 0.74 -1.24
CA LEU A 92 -7.70 0.34 -2.01
C LEU A 92 -7.27 -0.54 -3.18
N ASN A 93 -6.16 -0.18 -3.81
CA ASN A 93 -5.63 -0.96 -4.93
C ASN A 93 -5.26 -2.37 -4.43
N SER A 94 -4.64 -2.45 -3.26
CA SER A 94 -4.26 -3.76 -2.72
C SER A 94 -5.44 -4.66 -2.37
N VAL A 95 -6.48 -4.12 -1.72
CA VAL A 95 -7.62 -4.97 -1.40
C VAL A 95 -8.44 -5.33 -2.63
N ARG A 96 -8.40 -4.47 -3.65
CA ARG A 96 -9.15 -4.78 -4.88
C ARG A 96 -8.50 -6.01 -5.53
N VAL A 97 -7.20 -6.16 -5.36
CA VAL A 97 -6.49 -7.31 -5.91
C VAL A 97 -6.94 -8.53 -5.11
N VAL A 98 -6.98 -8.39 -3.78
CA VAL A 98 -7.41 -9.48 -2.92
C VAL A 98 -8.83 -9.91 -3.27
N GLN A 99 -9.71 -8.93 -3.49
CA GLN A 99 -11.10 -9.22 -3.84
C GLN A 99 -11.21 -9.93 -5.18
N LYS A 100 -10.44 -9.46 -6.17
CA LYS A 100 -10.47 -10.07 -7.49
C LYS A 100 -10.07 -11.54 -7.42
N LEU A 101 -9.06 -11.84 -6.62
CA LEU A 101 -8.57 -13.20 -6.48
C LEU A 101 -9.49 -14.12 -5.67
N LEU A 102 -10.17 -13.57 -4.67
CA LEU A 102 -11.08 -14.38 -3.86
C LEU A 102 -12.44 -14.52 -4.52
N ARG A 103 -12.77 -13.58 -5.41
CA ARG A 103 -14.01 -13.59 -6.17
C ARG A 103 -15.32 -13.42 -5.42
N LYS A 104 -15.52 -14.17 -4.34
CA LYS A 104 -16.76 -14.05 -3.58
C LYS A 104 -16.99 -12.63 -3.08
N PRO A 105 -18.19 -12.09 -3.30
CA PRO A 105 -18.49 -10.72 -2.86
C PRO A 105 -18.20 -10.54 -1.36
N GLY A 106 -17.55 -9.44 -1.02
CA GLY A 106 -17.24 -9.20 0.38
C GLY A 106 -16.07 -10.00 0.92
N SER A 107 -15.20 -10.47 0.04
CA SER A 107 -14.03 -11.25 0.47
C SER A 107 -13.01 -10.33 1.14
N ALA A 108 -13.03 -9.06 0.78
CA ALA A 108 -12.14 -8.07 1.38
C ALA A 108 -12.99 -6.87 1.81
N GLY A 109 -12.62 -6.27 2.94
CA GLY A 109 -13.35 -5.11 3.44
C GLY A 109 -12.44 -3.90 3.47
N TYR A 110 -13.03 -2.72 3.33
CA TYR A 110 -12.23 -1.49 3.32
C TYR A 110 -12.98 -0.30 3.89
N MET A 111 -12.27 0.56 4.61
CA MET A 111 -12.86 1.77 5.17
C MET A 111 -11.93 2.96 4.94
N GLY A 112 -12.54 4.09 4.61
CA GLY A 112 -11.81 5.33 4.38
C GLY A 112 -12.85 6.43 4.33
N ALA A 113 -12.43 7.68 4.12
CA ALA A 113 -13.36 8.79 4.06
C ALA A 113 -13.43 9.39 2.66
N ILE A 114 -14.63 9.82 2.26
CA ILE A 114 -14.85 10.43 0.97
C ILE A 114 -15.64 11.73 1.19
N GLY A 115 -15.78 12.52 0.14
CA GLY A 115 -16.53 13.76 0.24
C GLY A 115 -17.99 13.53 -0.07
N ASP A 116 -18.80 14.57 0.02
CA ASP A 116 -20.22 14.46 -0.28
C ASP A 116 -20.45 14.97 -1.69
N ASP A 117 -19.49 14.69 -2.56
CA ASP A 117 -19.53 15.15 -3.94
C ASP A 117 -19.77 14.04 -4.97
N PRO A 118 -19.97 14.43 -6.24
CA PRO A 118 -20.20 13.44 -7.29
C PRO A 118 -19.07 12.42 -7.38
N ARG A 119 -17.84 12.90 -7.24
CA ARG A 119 -16.66 12.05 -7.30
C ARG A 119 -16.71 10.91 -6.29
N GLY A 120 -17.27 11.19 -5.11
CA GLY A 120 -17.38 10.18 -4.09
C GLY A 120 -18.31 9.05 -4.52
N GLN A 121 -19.40 9.43 -5.16
CA GLN A 121 -20.39 8.46 -5.64
C GLN A 121 -19.79 7.61 -6.76
N VAL A 122 -19.00 8.24 -7.62
CA VAL A 122 -18.35 7.53 -8.71
C VAL A 122 -17.45 6.46 -8.13
N LEU A 123 -16.57 6.86 -7.20
CA LEU A 123 -15.64 5.93 -6.56
C LEU A 123 -16.38 4.78 -5.86
N LYS A 124 -17.40 5.13 -5.09
N LYS A 124 -17.40 5.13 -5.09
CA LYS A 124 -18.18 4.13 -4.37
CA LYS A 124 -18.18 4.13 -4.37
C LYS A 124 -18.77 3.09 -5.32
C LYS A 124 -18.77 3.09 -5.33
N GLU A 125 -19.36 3.55 -6.42
CA GLU A 125 -19.97 2.64 -7.39
C GLU A 125 -18.95 1.74 -8.06
N LEU A 126 -17.77 2.29 -8.36
N LEU A 126 -17.77 2.30 -8.35
CA LEU A 126 -16.71 1.51 -8.99
CA LEU A 126 -16.72 1.51 -8.98
C LEU A 126 -16.32 0.35 -8.07
C LEU A 126 -16.29 0.37 -8.07
N CYS A 127 -16.32 0.61 -6.76
CA CYS A 127 -15.96 -0.41 -5.79
C CYS A 127 -17.05 -1.46 -5.60
N ASP A 128 -18.30 -1.02 -5.50
CA ASP A 128 -19.42 -1.94 -5.34
C ASP A 128 -19.47 -2.89 -6.53
N LYS A 129 -19.16 -2.33 -7.70
CA LYS A 129 -19.13 -3.06 -8.96
C LYS A 129 -18.20 -4.27 -8.90
N GLU A 130 -17.13 -4.15 -8.12
CA GLU A 130 -16.17 -5.24 -7.99
C GLU A 130 -16.48 -6.20 -6.85
N GLY A 131 -17.54 -5.91 -6.11
CA GLY A 131 -17.93 -6.78 -5.01
C GLY A 131 -17.17 -6.55 -3.72
N LEU A 132 -16.39 -5.47 -3.68
CA LEU A 132 -15.63 -5.14 -2.48
C LEU A 132 -16.57 -4.67 -1.38
N ALA A 133 -16.29 -5.05 -0.14
CA ALA A 133 -17.13 -4.61 0.97
C ALA A 133 -16.49 -3.32 1.47
N THR A 134 -17.25 -2.23 1.40
CA THR A 134 -16.71 -0.94 1.83
C THR A 134 -17.68 -0.13 2.67
N ARG A 135 -17.11 0.75 3.49
CA ARG A 135 -17.89 1.68 4.27
C ARG A 135 -17.11 2.97 4.13
N PHE A 136 -17.61 3.87 3.29
CA PHE A 136 -16.96 5.14 3.07
C PHE A 136 -17.64 6.18 3.94
N MET A 137 -16.84 6.78 4.83
N MET A 137 -16.86 6.77 4.85
CA MET A 137 -17.35 7.81 5.72
CA MET A 137 -17.42 7.79 5.74
C MET A 137 -17.41 9.13 4.97
C MET A 137 -17.42 9.13 5.02
N VAL A 138 -18.60 9.72 4.90
CA VAL A 138 -18.78 10.99 4.20
C VAL A 138 -18.45 12.20 5.06
N ALA A 139 -17.62 13.08 4.50
CA ALA A 139 -17.21 14.32 5.16
C ALA A 139 -17.90 15.48 4.43
N PRO A 140 -18.99 16.01 5.01
CA PRO A 140 -19.71 17.13 4.40
C PRO A 140 -18.80 18.33 4.08
N GLY A 141 -18.98 18.90 2.89
CA GLY A 141 -18.20 20.07 2.50
C GLY A 141 -16.81 19.80 1.98
N GLN A 142 -16.35 18.56 2.07
CA GLN A 142 -15.01 18.22 1.59
C GLN A 142 -15.11 17.45 0.28
N SER A 143 -14.01 17.46 -0.49
CA SER A 143 -13.98 16.78 -1.78
C SER A 143 -13.28 15.43 -1.67
N THR A 144 -13.77 14.46 -2.42
CA THR A 144 -13.21 13.11 -2.42
C THR A 144 -11.77 13.13 -2.94
N GLY A 145 -10.92 12.29 -2.34
CA GLY A 145 -9.54 12.23 -2.77
C GLY A 145 -9.46 12.02 -4.25
N VAL A 146 -8.51 12.68 -4.89
CA VAL A 146 -8.35 12.54 -6.34
C VAL A 146 -6.88 12.60 -6.72
N CYS A 147 -6.52 11.83 -7.74
CA CYS A 147 -5.15 11.79 -8.22
C CYS A 147 -5.11 11.92 -9.74
N ALA A 148 -4.39 12.95 -10.20
CA ALA A 148 -4.26 13.16 -11.63
C ALA A 148 -3.12 12.27 -12.12
N VAL A 149 -3.45 11.28 -12.93
CA VAL A 149 -2.46 10.37 -13.48
C VAL A 149 -2.20 10.87 -14.89
N LEU A 150 -1.15 11.68 -15.02
CA LEU A 150 -0.79 12.28 -16.29
C LEU A 150 0.20 11.45 -17.10
N ILE A 151 -0.23 11.01 -18.28
CA ILE A 151 0.62 10.21 -19.16
C ILE A 151 1.28 11.13 -20.17
N ASN A 152 2.61 11.16 -20.16
CA ASN A 152 3.36 12.01 -21.07
C ASN A 152 4.73 11.41 -21.39
N GLU A 153 5.01 11.20 -22.66
CA GLU A 153 6.28 10.62 -23.09
C GLU A 153 6.59 9.33 -22.35
N LYS A 154 5.69 8.36 -22.46
CA LYS A 154 5.85 7.07 -21.82
C LYS A 154 6.11 7.19 -20.33
N GLU A 155 5.83 8.36 -19.77
CA GLU A 155 6.05 8.59 -18.35
C GLU A 155 4.75 8.99 -17.64
N ARG A 156 4.61 8.54 -16.40
CA ARG A 156 3.44 8.86 -15.59
C ARG A 156 3.79 9.88 -14.51
N THR A 157 3.04 10.97 -14.47
CA THR A 157 3.25 12.02 -13.48
C THR A 157 1.97 12.10 -12.66
N LEU A 158 2.10 11.90 -11.35
CA LEU A 158 0.94 11.90 -10.46
C LEU A 158 0.86 13.11 -9.54
N CYS A 159 -0.35 13.65 -9.40
CA CYS A 159 -0.60 14.80 -8.55
C CYS A 159 -1.86 14.51 -7.75
N THR A 160 -1.68 14.21 -6.47
CA THR A 160 -2.77 13.84 -5.59
C THR A 160 -3.25 14.91 -4.62
N HIS A 161 -4.56 14.97 -4.44
CA HIS A 161 -5.19 15.89 -3.50
C HIS A 161 -6.03 15.00 -2.58
N LEU A 162 -5.59 14.84 -1.34
CA LEU A 162 -6.29 13.99 -0.39
C LEU A 162 -7.69 14.41 0.02
N GLY A 163 -7.90 15.72 0.18
CA GLY A 163 -9.21 16.20 0.57
C GLY A 163 -9.84 15.46 1.74
N ALA A 164 -11.06 14.96 1.54
CA ALA A 164 -11.80 14.25 2.57
C ALA A 164 -11.06 13.07 3.22
N CYS A 165 -10.10 12.47 2.53
CA CYS A 165 -9.38 11.34 3.11
C CYS A 165 -8.86 11.67 4.51
N GLY A 166 -8.43 12.91 4.69
CA GLY A 166 -7.88 13.32 5.97
C GLY A 166 -8.83 13.35 7.15
N SER A 167 -10.14 13.31 6.86
CA SER A 167 -11.13 13.37 7.91
C SER A 167 -11.48 12.00 8.48
N PHE A 168 -10.98 10.94 7.86
CA PHE A 168 -11.30 9.59 8.31
C PHE A 168 -10.97 9.29 9.76
N ARG A 169 -11.97 8.82 10.49
CA ARG A 169 -11.83 8.44 11.89
C ARG A 169 -12.56 7.11 12.01
N LEU A 170 -11.80 6.07 12.33
CA LEU A 170 -12.31 4.71 12.45
C LEU A 170 -13.55 4.63 13.34
N PRO A 171 -14.69 4.16 12.78
CA PRO A 171 -15.92 4.04 13.56
C PRO A 171 -15.77 3.00 14.68
N GLU A 172 -16.45 3.24 15.79
CA GLU A 172 -16.37 2.33 16.94
C GLU A 172 -16.80 0.90 16.67
N ASP A 173 -17.60 0.68 15.63
CA ASP A 173 -18.09 -0.67 15.31
C ASP A 173 -17.34 -1.27 14.11
N TRP A 174 -16.13 -0.81 13.86
CA TRP A 174 -15.38 -1.35 12.73
C TRP A 174 -15.07 -2.83 12.88
N THR A 175 -14.90 -3.31 14.11
CA THR A 175 -14.59 -4.72 14.32
C THR A 175 -15.79 -5.60 13.94
N THR A 176 -16.98 -5.03 13.99
CA THR A 176 -18.18 -5.78 13.62
C THR A 176 -18.24 -5.85 12.10
N PHE A 177 -17.93 -4.72 11.46
CA PHE A 177 -17.92 -4.65 10.00
C PHE A 177 -16.91 -5.67 9.46
N ALA A 178 -15.78 -5.78 10.14
CA ALA A 178 -14.71 -6.68 9.73
C ALA A 178 -14.78 -8.09 10.32
N SER A 179 -15.92 -8.43 10.91
CA SER A 179 -16.10 -9.77 11.51
C SER A 179 -15.59 -10.88 10.60
N GLY A 180 -14.81 -11.79 11.18
CA GLY A 180 -14.28 -12.92 10.43
C GLY A 180 -12.88 -12.74 9.85
N ALA A 181 -12.50 -11.51 9.55
CA ALA A 181 -11.18 -11.28 8.98
C ALA A 181 -10.07 -11.38 10.03
N LEU A 182 -9.01 -12.11 9.70
CA LEU A 182 -7.89 -12.25 10.64
C LEU A 182 -6.67 -11.52 10.10
N ILE A 183 -6.78 -11.00 8.88
CA ILE A 183 -5.68 -10.27 8.25
C ILE A 183 -6.12 -8.81 8.14
N PHE A 184 -5.37 -7.93 8.79
CA PHE A 184 -5.66 -6.49 8.80
C PHE A 184 -4.53 -5.78 8.08
N TYR A 185 -4.87 -4.73 7.35
CA TYR A 185 -3.87 -3.99 6.59
C TYR A 185 -4.08 -2.48 6.65
N ALA A 186 -2.96 -1.76 6.74
CA ALA A 186 -2.97 -0.31 6.73
C ALA A 186 -1.69 0.17 6.08
N THR A 187 -1.81 1.24 5.31
CA THR A 187 -0.67 1.86 4.66
C THR A 187 -0.21 2.98 5.61
N ALA A 188 1.07 3.31 5.57
CA ALA A 188 1.57 4.39 6.41
C ALA A 188 0.89 5.67 5.94
N TYR A 189 0.36 5.64 4.72
CA TYR A 189 -0.36 6.81 4.20
C TYR A 189 -1.54 7.18 5.09
N THR A 190 -2.11 6.19 5.80
CA THR A 190 -3.25 6.46 6.67
C THR A 190 -2.87 7.31 7.88
N LEU A 191 -1.57 7.37 8.15
CA LEU A 191 -1.11 8.15 9.30
C LEU A 191 -1.29 9.65 9.06
N THR A 192 -1.53 10.03 7.79
CA THR A 192 -1.72 11.43 7.44
C THR A 192 -3.09 11.98 7.83
N ALA A 193 -4.03 11.09 8.14
CA ALA A 193 -5.35 11.51 8.60
C ALA A 193 -5.11 11.59 10.11
N THR A 194 -4.83 10.44 10.71
CA THR A 194 -4.47 10.33 12.13
C THR A 194 -3.87 8.96 12.37
N PRO A 195 -2.74 8.90 13.10
CA PRO A 195 -2.10 7.62 13.37
C PRO A 195 -2.99 6.74 14.25
N LYS A 196 -3.97 7.36 14.91
CA LYS A 196 -4.89 6.64 15.79
C LYS A 196 -5.68 5.52 15.10
N ASN A 197 -5.98 5.69 13.82
CA ASN A 197 -6.73 4.68 13.07
C ASN A 197 -5.91 3.39 12.97
N ALA A 198 -4.70 3.48 12.43
CA ALA A 198 -3.86 2.29 12.30
C ALA A 198 -3.51 1.73 13.69
N LEU A 199 -3.28 2.60 14.66
CA LEU A 199 -2.95 2.11 16.00
C LEU A 199 -4.11 1.33 16.62
N GLU A 200 -5.33 1.74 16.32
CA GLU A 200 -6.50 1.05 16.86
C GLU A 200 -6.66 -0.32 16.21
N VAL A 201 -6.44 -0.40 14.90
CA VAL A 201 -6.55 -1.67 14.19
C VAL A 201 -5.46 -2.62 14.70
N ALA A 202 -4.23 -2.13 14.77
CA ALA A 202 -3.11 -2.94 15.23
C ALA A 202 -3.35 -3.32 16.70
N GLY A 203 -3.93 -2.40 17.46
CA GLY A 203 -4.21 -2.67 18.86
C GLY A 203 -5.18 -3.83 19.06
N TYR A 204 -6.09 -3.98 18.11
CA TYR A 204 -7.09 -5.05 18.17
C TYR A 204 -6.43 -6.41 17.93
N ALA A 205 -5.53 -6.45 16.95
CA ALA A 205 -4.84 -7.68 16.59
C ALA A 205 -3.74 -8.08 17.55
N HIS A 206 -3.13 -7.12 18.23
CA HIS A 206 -2.04 -7.43 19.13
C HIS A 206 -2.41 -8.37 20.27
N GLY A 207 -1.56 -9.35 20.53
CA GLY A 207 -1.85 -10.27 21.62
C GLY A 207 -2.66 -11.49 21.20
N ILE A 208 -3.37 -11.39 20.08
CA ILE A 208 -4.16 -12.51 19.57
C ILE A 208 -3.25 -13.22 18.57
N PRO A 209 -2.74 -14.41 18.94
CA PRO A 209 -1.84 -15.21 18.09
C PRO A 209 -2.09 -15.27 16.59
N ASN A 210 -3.32 -15.57 16.17
CA ASN A 210 -3.59 -15.68 14.75
C ASN A 210 -4.23 -14.45 14.09
N ALA A 211 -4.19 -13.30 14.77
CA ALA A 211 -4.70 -12.07 14.20
C ALA A 211 -3.44 -11.42 13.64
N ILE A 212 -3.43 -11.13 12.34
CA ILE A 212 -2.25 -10.57 11.69
C ILE A 212 -2.38 -9.13 11.21
N PHE A 213 -1.64 -8.22 11.83
CA PHE A 213 -1.69 -6.83 11.38
C PHE A 213 -0.53 -6.60 10.43
N THR A 214 -0.84 -6.08 9.25
CA THR A 214 0.19 -5.82 8.26
C THR A 214 0.24 -4.33 7.94
N LEU A 215 1.45 -3.83 7.68
CA LEU A 215 1.67 -2.41 7.42
C LEU A 215 2.61 -2.15 6.24
N ASN A 216 2.37 -1.07 5.53
CA ASN A 216 3.21 -0.67 4.39
C ASN A 216 3.93 0.62 4.79
N LEU A 217 5.23 0.73 4.51
CA LEU A 217 5.98 1.95 4.84
C LEU A 217 5.46 3.11 3.99
N SER A 218 4.85 2.76 2.85
CA SER A 218 4.23 3.69 1.91
C SER A 218 5.10 4.73 1.19
N ALA A 219 5.91 5.46 1.93
CA ALA A 219 6.76 6.49 1.33
C ALA A 219 7.80 6.97 2.33
N PRO A 220 8.95 7.45 1.82
CA PRO A 220 10.02 7.94 2.70
C PRO A 220 9.56 8.98 3.72
N PHE A 221 8.69 9.90 3.31
CA PHE A 221 8.26 10.94 4.24
C PHE A 221 7.42 10.42 5.42
N CYS A 222 6.73 9.30 5.24
CA CYS A 222 5.93 8.74 6.33
C CYS A 222 6.85 8.26 7.45
N VAL A 223 8.00 7.73 7.06
CA VAL A 223 8.97 7.23 8.02
C VAL A 223 9.49 8.35 8.92
N GLU A 224 9.74 9.52 8.35
CA GLU A 224 10.26 10.64 9.13
C GLU A 224 9.17 11.39 9.85
N LEU A 225 8.14 11.80 9.11
CA LEU A 225 7.06 12.58 9.68
C LEU A 225 6.37 11.92 10.87
N TYR A 226 6.20 10.60 10.81
CA TYR A 226 5.54 9.88 11.90
C TYR A 226 6.46 8.93 12.65
N LYS A 227 7.72 9.31 12.76
CA LYS A 227 8.73 8.48 13.45
C LYS A 227 8.26 7.78 14.72
N ASP A 228 7.80 8.55 15.69
CA ASP A 228 7.39 7.97 16.97
C ASP A 228 6.11 7.14 16.92
N ALA A 229 5.11 7.61 16.20
CA ALA A 229 3.87 6.84 16.09
C ALA A 229 4.16 5.54 15.35
N MET A 230 5.01 5.61 14.32
CA MET A 230 5.31 4.41 13.57
C MET A 230 6.09 3.42 14.42
N GLN A 231 6.99 3.93 15.26
CA GLN A 231 7.77 3.06 16.12
C GLN A 231 6.82 2.27 17.01
N SER A 232 5.82 2.96 17.56
CA SER A 232 4.85 2.30 18.43
C SER A 232 4.02 1.30 17.63
N LEU A 233 3.58 1.72 16.44
CA LEU A 233 2.79 0.88 15.56
C LEU A 233 3.55 -0.39 15.18
N LEU A 234 4.84 -0.26 14.88
CA LEU A 234 5.63 -1.43 14.48
C LEU A 234 5.69 -2.49 15.57
N LEU A 235 5.62 -2.07 16.82
CA LEU A 235 5.65 -3.04 17.92
C LEU A 235 4.40 -3.93 17.86
N HIS A 236 3.32 -3.39 17.29
CA HIS A 236 2.06 -4.13 17.15
C HIS A 236 1.92 -4.73 15.76
N THR A 237 2.98 -4.71 14.96
CA THR A 237 2.91 -5.21 13.59
C THR A 237 3.45 -6.63 13.39
N ASN A 238 2.75 -7.42 12.59
CA ASN A 238 3.17 -8.80 12.31
C ASN A 238 3.94 -8.88 11.00
N ILE A 239 3.50 -8.11 10.01
CA ILE A 239 4.18 -8.11 8.72
C ILE A 239 4.35 -6.68 8.21
N LEU A 240 5.59 -6.31 7.87
CA LEU A 240 5.90 -4.98 7.36
C LEU A 240 6.35 -5.08 5.91
N PHE A 241 5.70 -4.32 5.03
CA PHE A 241 6.06 -4.30 3.62
C PHE A 241 6.71 -2.95 3.32
N GLY A 242 7.63 -2.92 2.37
CA GLY A 242 8.27 -1.66 1.99
C GLY A 242 9.24 -1.89 0.86
N ASN A 243 9.59 -0.82 0.13
CA ASN A 243 10.56 -0.96 -0.95
C ASN A 243 11.93 -0.53 -0.44
N GLU A 244 12.92 -0.55 -1.32
CA GLU A 244 14.29 -0.20 -0.96
C GLU A 244 14.51 1.17 -0.32
N GLU A 245 13.99 2.22 -0.96
CA GLU A 245 14.17 3.58 -0.44
C GLU A 245 13.46 3.79 0.90
N GLU A 246 12.28 3.20 1.05
CA GLU A 246 11.54 3.34 2.29
C GLU A 246 12.31 2.72 3.44
N PHE A 247 12.82 1.51 3.21
CA PHE A 247 13.59 0.82 4.24
C PHE A 247 14.90 1.54 4.52
N ALA A 248 15.43 2.23 3.52
CA ALA A 248 16.68 2.97 3.69
C ALA A 248 16.42 4.09 4.70
N HIS A 249 15.32 4.80 4.50
CA HIS A 249 14.96 5.88 5.40
C HIS A 249 14.65 5.34 6.79
N LEU A 250 13.99 4.18 6.85
CA LEU A 250 13.67 3.57 8.13
C LEU A 250 14.96 3.26 8.90
N ALA A 251 15.93 2.66 8.20
CA ALA A 251 17.20 2.30 8.80
C ALA A 251 17.96 3.51 9.32
N LYS A 252 17.89 4.62 8.59
CA LYS A 252 18.58 5.83 8.98
C LYS A 252 17.89 6.50 10.17
N VAL A 253 16.57 6.62 10.07
CA VAL A 253 15.78 7.25 11.13
C VAL A 253 15.84 6.52 12.46
N HIS A 254 15.87 5.18 12.40
CA HIS A 254 15.91 4.39 13.63
C HIS A 254 17.27 3.79 13.93
N ASN A 255 18.28 4.26 13.19
CA ASN A 255 19.65 3.80 13.37
C ASN A 255 19.75 2.27 13.40
N LEU A 256 19.16 1.63 12.40
CA LEU A 256 19.18 0.17 12.32
C LEU A 256 20.55 -0.36 11.90
N VAL A 257 21.31 0.46 11.16
CA VAL A 257 22.63 0.08 10.71
C VAL A 257 23.61 1.21 11.03
N ALA A 258 24.90 0.89 11.03
CA ALA A 258 25.93 1.88 11.32
C ALA A 258 25.88 3.02 10.30
N ALA A 259 26.25 4.22 10.74
CA ALA A 259 26.24 5.39 9.87
C ALA A 259 27.02 5.11 8.59
N GLU A 260 28.05 4.27 8.70
CA GLU A 260 28.87 3.92 7.55
C GLU A 260 28.10 3.06 6.55
N LYS A 261 27.03 2.42 7.02
CA LYS A 261 26.23 1.56 6.16
C LYS A 261 24.93 2.17 5.66
N THR A 262 24.47 3.23 6.30
CA THR A 262 23.23 3.88 5.90
C THR A 262 23.26 4.39 4.46
N ALA A 263 24.44 4.37 3.85
CA ALA A 263 24.59 4.85 2.47
C ALA A 263 24.70 3.72 1.46
N LEU A 264 25.05 2.52 1.94
CA LEU A 264 25.19 1.36 1.07
C LEU A 264 23.95 1.15 0.20
N SER A 265 24.14 0.49 -0.94
CA SER A 265 23.05 0.22 -1.87
C SER A 265 22.25 -1.02 -1.46
N THR A 266 20.93 -0.90 -1.48
CA THR A 266 20.05 -2.01 -1.14
C THR A 266 20.05 -3.02 -2.29
N ALA A 267 20.70 -2.65 -3.39
CA ALA A 267 20.79 -3.51 -4.56
C ALA A 267 21.78 -4.61 -4.19
N ASN A 268 22.47 -4.39 -3.08
CA ASN A 268 23.45 -5.34 -2.55
C ASN A 268 22.70 -6.26 -1.59
N LYS A 269 22.65 -7.55 -1.94
CA LYS A 269 21.96 -8.52 -1.10
C LYS A 269 22.34 -8.39 0.37
N GLU A 270 23.65 -8.48 0.65
CA GLU A 270 24.15 -8.40 2.02
C GLU A 270 23.56 -7.23 2.79
N HIS A 271 23.61 -6.04 2.21
CA HIS A 271 23.08 -4.85 2.87
C HIS A 271 21.58 -4.93 3.09
N ALA A 272 20.85 -5.42 2.08
CA ALA A 272 19.40 -5.54 2.15
C ALA A 272 19.03 -6.45 3.32
N VAL A 273 19.77 -7.55 3.46
CA VAL A 273 19.52 -8.51 4.53
C VAL A 273 19.76 -7.89 5.90
N GLU A 274 20.80 -7.07 6.02
CA GLU A 274 21.09 -6.42 7.29
C GLU A 274 20.01 -5.41 7.64
N VAL A 275 19.52 -4.70 6.63
CA VAL A 275 18.47 -3.71 6.83
C VAL A 275 17.19 -4.42 7.27
N CYS A 276 16.84 -5.49 6.58
CA CYS A 276 15.64 -6.24 6.93
C CYS A 276 15.73 -6.84 8.33
N THR A 277 16.91 -7.36 8.67
CA THR A 277 17.12 -7.96 9.98
C THR A 277 17.01 -6.92 11.08
N GLY A 278 17.57 -5.75 10.85
CA GLY A 278 17.48 -4.69 11.84
C GLY A 278 16.05 -4.20 12.00
N ALA A 279 15.34 -4.10 10.88
CA ALA A 279 13.95 -3.65 10.89
C ALA A 279 13.07 -4.63 11.65
N LEU A 280 13.37 -5.92 11.52
CA LEU A 280 12.60 -6.96 12.20
C LEU A 280 12.59 -6.69 13.70
N ARG A 281 13.69 -6.15 14.21
CA ARG A 281 13.82 -5.83 15.62
C ARG A 281 12.75 -4.83 16.07
N LEU A 282 12.33 -3.95 15.17
CA LEU A 282 11.30 -2.96 15.51
C LEU A 282 9.95 -3.60 15.71
N LEU A 283 9.77 -4.81 15.18
CA LEU A 283 8.51 -5.55 15.31
C LEU A 283 8.55 -6.52 16.47
N THR A 284 9.71 -7.16 16.66
CA THR A 284 9.86 -8.16 17.71
C THR A 284 10.19 -7.61 19.09
N ALA A 285 10.95 -6.54 19.15
CA ALA A 285 11.34 -5.94 20.42
C ALA A 285 12.09 -6.98 21.25
N GLY A 286 12.79 -7.88 20.58
CA GLY A 286 13.56 -8.90 21.27
C GLY A 286 12.75 -10.06 21.82
N GLN A 287 11.43 -9.94 21.84
CA GLN A 287 10.58 -11.00 22.35
C GLN A 287 10.18 -12.00 21.28
N ASN A 288 9.80 -13.20 21.70
CA ASN A 288 9.37 -14.24 20.78
C ASN A 288 8.08 -14.92 21.23
N THR A 289 7.10 -14.94 20.35
CA THR A 289 5.82 -15.58 20.64
C THR A 289 5.45 -16.47 19.45
N SER A 290 4.24 -16.98 19.41
CA SER A 290 3.84 -17.82 18.29
C SER A 290 3.33 -16.94 17.14
N ALA A 291 3.23 -15.64 17.41
CA ALA A 291 2.75 -14.68 16.43
C ALA A 291 3.72 -14.44 15.29
N THR A 292 3.17 -14.12 14.13
CA THR A 292 3.97 -13.85 12.94
C THR A 292 4.73 -12.52 13.10
N LYS A 293 6.01 -12.54 12.73
CA LYS A 293 6.86 -11.34 12.78
C LYS A 293 7.71 -11.46 11.52
N LEU A 294 7.42 -10.62 10.54
CA LEU A 294 8.09 -10.70 9.25
C LEU A 294 8.24 -9.34 8.59
N VAL A 295 9.40 -9.11 7.98
N VAL A 295 9.40 -9.12 7.97
CA VAL A 295 9.64 -7.87 7.25
CA VAL A 295 9.69 -7.89 7.25
C VAL A 295 9.95 -8.26 5.81
C VAL A 295 9.97 -8.25 5.79
N VAL A 296 9.27 -7.60 4.87
CA VAL A 296 9.45 -7.89 3.44
C VAL A 296 9.87 -6.66 2.66
N MET A 297 11.02 -6.74 1.98
CA MET A 297 11.53 -5.62 1.20
C MET A 297 11.50 -5.91 -0.30
N THR A 298 10.72 -5.15 -1.06
CA THR A 298 10.67 -5.34 -2.50
C THR A 298 11.85 -4.56 -3.04
N ARG A 299 12.48 -5.09 -4.10
CA ARG A 299 13.65 -4.44 -4.67
C ARG A 299 13.64 -4.39 -6.19
N GLY A 300 12.56 -3.86 -6.75
CA GLY A 300 12.46 -3.77 -8.20
C GLY A 300 12.63 -5.09 -8.91
N HIS A 301 13.56 -5.16 -9.86
CA HIS A 301 13.79 -6.39 -10.61
C HIS A 301 14.63 -7.38 -9.82
N ASN A 302 15.30 -6.90 -8.77
CA ASN A 302 16.12 -7.78 -7.94
C ASN A 302 15.27 -8.60 -6.98
N PRO A 303 15.80 -9.74 -6.50
CA PRO A 303 15.09 -10.63 -5.57
C PRO A 303 14.50 -9.94 -4.34
N VAL A 304 13.29 -10.34 -3.99
CA VAL A 304 12.63 -9.80 -2.81
C VAL A 304 13.35 -10.43 -1.62
N ILE A 305 13.63 -9.63 -0.60
CA ILE A 305 14.32 -10.12 0.58
C ILE A 305 13.40 -9.98 1.78
N ALA A 306 13.38 -10.99 2.65
CA ALA A 306 12.54 -10.94 3.85
C ALA A 306 13.26 -11.56 5.03
N ALA A 307 12.99 -11.01 6.21
CA ALA A 307 13.57 -11.52 7.45
C ALA A 307 12.39 -11.95 8.30
N GLU A 308 12.41 -13.21 8.75
CA GLU A 308 11.30 -13.73 9.55
C GLU A 308 11.73 -14.31 10.89
N GLN A 309 11.01 -13.97 11.95
CA GLN A 309 11.31 -14.54 13.26
C GLN A 309 10.41 -15.78 13.31
N THR A 310 11.03 -16.96 13.33
CA THR A 310 10.29 -18.22 13.35
C THR A 310 9.70 -18.57 14.70
N ALA A 311 9.00 -19.71 14.74
CA ALA A 311 8.36 -20.18 15.96
C ALA A 311 9.24 -20.14 17.21
N ASP A 312 10.46 -20.65 17.12
CA ASP A 312 11.33 -20.66 18.29
C ASP A 312 12.20 -19.41 18.48
N GLY A 313 11.93 -18.36 17.71
CA GLY A 313 12.69 -17.13 17.85
C GLY A 313 13.88 -16.95 16.90
N THR A 314 14.30 -18.02 16.24
N THR A 314 14.31 -18.02 16.25
CA THR A 314 15.42 -17.93 15.31
CA THR A 314 15.43 -17.90 15.32
C THR A 314 15.00 -17.16 14.06
C THR A 314 15.00 -17.15 14.08
N VAL A 315 15.88 -16.28 13.58
CA VAL A 315 15.59 -15.49 12.40
C VAL A 315 16.06 -16.17 11.12
N VAL A 316 15.17 -16.20 10.13
N VAL A 316 15.17 -16.21 10.13
CA VAL A 316 15.48 -16.81 8.83
CA VAL A 316 15.49 -16.80 8.84
C VAL A 316 15.34 -15.74 7.75
C VAL A 316 15.35 -15.74 7.76
N VAL A 317 16.22 -15.79 6.75
CA VAL A 317 16.20 -14.83 5.67
C VAL A 317 15.69 -15.51 4.41
N HIS A 318 14.74 -14.87 3.74
CA HIS A 318 14.20 -15.40 2.50
C HIS A 318 14.66 -14.54 1.34
N GLU A 319 14.93 -15.18 0.21
CA GLU A 319 15.34 -14.48 -1.00
C GLU A 319 14.53 -15.13 -2.11
N VAL A 320 13.62 -14.35 -2.70
CA VAL A 320 12.79 -14.88 -3.76
C VAL A 320 13.05 -14.13 -5.05
N GLY A 321 13.60 -14.84 -6.03
CA GLY A 321 13.89 -14.22 -7.31
C GLY A 321 12.63 -13.71 -7.98
N VAL A 322 12.79 -12.63 -8.75
CA VAL A 322 11.69 -12.03 -9.47
C VAL A 322 11.82 -12.44 -10.93
N PRO A 323 10.81 -13.16 -11.46
CA PRO A 323 10.86 -13.58 -12.87
C PRO A 323 11.20 -12.38 -13.76
N VAL A 324 12.17 -12.58 -14.64
CA VAL A 324 12.61 -11.51 -15.54
C VAL A 324 11.52 -11.00 -16.46
N VAL A 325 11.48 -9.68 -16.62
CA VAL A 325 10.52 -9.03 -17.49
C VAL A 325 11.27 -7.96 -18.27
N ALA A 326 11.41 -8.16 -19.58
CA ALA A 326 12.13 -7.23 -20.44
C ALA A 326 11.60 -5.81 -20.26
N ALA A 327 12.52 -4.86 -20.07
CA ALA A 327 12.14 -3.47 -19.88
C ALA A 327 11.24 -3.02 -21.03
N GLU A 328 11.31 -3.77 -22.13
CA GLU A 328 10.52 -3.48 -23.32
C GLU A 328 9.02 -3.63 -23.03
N LYS A 329 8.68 -4.64 -22.24
CA LYS A 329 7.28 -4.93 -21.90
C LYS A 329 6.80 -4.20 -20.65
N ILE A 330 7.63 -3.37 -20.06
CA ILE A 330 7.26 -2.64 -18.86
C ILE A 330 6.60 -1.32 -19.22
N VAL A 331 5.28 -1.24 -19.03
CA VAL A 331 4.53 -0.04 -19.33
C VAL A 331 4.75 1.03 -18.27
N ASP A 332 4.55 0.66 -17.01
CA ASP A 332 4.71 1.57 -15.89
C ASP A 332 4.87 0.75 -14.62
N THR A 333 5.73 1.20 -13.71
CA THR A 333 5.95 0.47 -12.47
C THR A 333 5.09 1.02 -11.32
N ASN A 334 4.26 2.01 -11.63
CA ASN A 334 3.38 2.59 -10.62
C ASN A 334 2.32 1.55 -10.27
N GLY A 335 2.10 1.35 -8.97
CA GLY A 335 1.10 0.38 -8.55
C GLY A 335 1.65 -1.02 -8.35
N ALA A 336 2.92 -1.21 -8.70
CA ALA A 336 3.56 -2.51 -8.58
C ALA A 336 3.57 -2.97 -7.13
N GLY A 337 3.95 -2.07 -6.24
CA GLY A 337 4.00 -2.38 -4.82
C GLY A 337 2.64 -2.70 -4.23
N ASP A 338 1.62 -1.96 -4.65
CA ASP A 338 0.27 -2.20 -4.15
C ASP A 338 -0.22 -3.57 -4.60
N ALA A 339 0.09 -3.94 -5.84
CA ALA A 339 -0.34 -5.22 -6.39
C ALA A 339 0.43 -6.35 -5.71
N PHE A 340 1.70 -6.11 -5.39
CA PHE A 340 2.51 -7.10 -4.72
C PHE A 340 1.87 -7.46 -3.39
N VAL A 341 1.56 -6.43 -2.61
CA VAL A 341 0.94 -6.62 -1.30
C VAL A 341 -0.41 -7.35 -1.47
N GLY A 342 -1.15 -6.99 -2.51
CA GLY A 342 -2.42 -7.63 -2.75
C GLY A 342 -2.25 -9.12 -2.94
N GLY A 343 -1.28 -9.51 -3.76
CA GLY A 343 -1.04 -10.92 -4.00
C GLY A 343 -0.54 -11.62 -2.74
N PHE A 344 0.35 -10.95 -2.03
CA PHE A 344 0.91 -11.52 -0.80
C PHE A 344 -0.21 -11.81 0.20
N LEU A 345 -1.07 -10.82 0.43
CA LEU A 345 -2.15 -11.00 1.39
C LEU A 345 -3.15 -12.05 0.92
N TYR A 346 -3.36 -12.14 -0.38
CA TYR A 346 -4.28 -13.15 -0.90
C TYR A 346 -3.72 -14.53 -0.54
N ALA A 347 -2.46 -14.75 -0.90
CA ALA A 347 -1.80 -16.01 -0.61
C ALA A 347 -1.81 -16.30 0.88
N LEU A 348 -1.57 -15.26 1.68
CA LEU A 348 -1.56 -15.42 3.13
C LEU A 348 -2.91 -15.92 3.64
N SER A 349 -4.00 -15.42 3.06
CA SER A 349 -5.33 -15.84 3.51
C SER A 349 -5.55 -17.30 3.17
N GLN A 350 -4.85 -17.80 2.16
CA GLN A 350 -4.97 -19.19 1.77
C GLN A 350 -3.99 -20.07 2.54
N GLY A 351 -3.32 -19.47 3.53
CA GLY A 351 -2.37 -20.20 4.35
C GLY A 351 -1.09 -20.65 3.68
N LYS A 352 -0.68 -19.97 2.62
CA LYS A 352 0.54 -20.33 1.91
C LYS A 352 1.78 -19.94 2.71
N THR A 353 2.93 -20.51 2.34
CA THR A 353 4.17 -20.20 3.04
C THR A 353 4.64 -18.80 2.67
N VAL A 354 5.58 -18.26 3.44
CA VAL A 354 6.11 -16.93 3.19
C VAL A 354 6.65 -16.80 1.76
N LYS A 355 7.40 -17.80 1.31
CA LYS A 355 7.95 -17.75 -0.04
C LYS A 355 6.82 -17.79 -1.05
N GLN A 356 5.82 -18.62 -0.81
CA GLN A 356 4.68 -18.72 -1.73
C GLN A 356 3.93 -17.39 -1.78
N CYS A 357 3.83 -16.71 -0.64
CA CYS A 357 3.13 -15.43 -0.62
C CYS A 357 3.89 -14.38 -1.44
N ILE A 358 5.22 -14.42 -1.34
CA ILE A 358 6.03 -13.48 -2.09
C ILE A 358 5.91 -13.74 -3.59
N MET A 359 5.88 -15.02 -3.96
CA MET A 359 5.76 -15.36 -5.37
C MET A 359 4.42 -14.91 -5.94
N CYS A 360 3.36 -15.01 -5.13
CA CYS A 360 2.05 -14.58 -5.60
C CYS A 360 2.08 -13.06 -5.77
N GLY A 361 2.76 -12.38 -4.84
CA GLY A 361 2.88 -10.93 -4.93
C GLY A 361 3.64 -10.55 -6.18
N ASN A 362 4.69 -11.31 -6.49
CA ASN A 362 5.48 -11.01 -7.69
C ASN A 362 4.61 -11.19 -8.93
N ALA A 363 3.84 -12.27 -8.96
CA ALA A 363 2.97 -12.54 -10.11
C ALA A 363 2.01 -11.39 -10.36
N CYS A 364 1.36 -10.91 -9.30
CA CYS A 364 0.41 -9.82 -9.41
C CYS A 364 1.07 -8.52 -9.84
N ALA A 365 2.24 -8.24 -9.27
CA ALA A 365 2.98 -7.04 -9.60
C ALA A 365 3.41 -7.02 -11.06
N GLN A 366 3.89 -8.16 -11.55
CA GLN A 366 4.34 -8.23 -12.94
C GLN A 366 3.20 -8.07 -13.94
N ASP A 367 2.01 -8.57 -13.58
CA ASP A 367 0.86 -8.42 -14.48
C ASP A 367 0.54 -6.94 -14.62
N VAL A 368 0.40 -6.26 -13.49
CA VAL A 368 0.06 -4.84 -13.44
C VAL A 368 1.05 -3.91 -14.16
N ILE A 369 2.34 -4.17 -14.05
CA ILE A 369 3.33 -3.31 -14.68
C ILE A 369 3.44 -3.48 -16.19
N GLN A 370 2.73 -4.45 -16.74
CA GLN A 370 2.82 -4.68 -18.19
C GLN A 370 1.65 -4.15 -19.00
N HIS A 371 0.83 -3.32 -18.38
CA HIS A 371 -0.30 -2.72 -19.08
C HIS A 371 -0.77 -1.45 -18.37
N VAL A 372 -1.52 -0.62 -19.08
CA VAL A 372 -2.03 0.61 -18.51
C VAL A 372 -3.06 0.29 -17.43
N GLY A 373 -2.89 0.87 -16.25
CA GLY A 373 -3.81 0.63 -15.17
C GLY A 373 -3.12 0.04 -13.95
N PHE A 374 -3.73 0.24 -12.78
CA PHE A 374 -3.16 -0.26 -11.54
C PHE A 374 -3.92 -1.47 -11.02
N SER A 375 -4.65 -2.13 -11.92
CA SER A 375 -5.43 -3.30 -11.56
C SER A 375 -4.98 -4.54 -12.33
N LEU A 376 -5.38 -5.72 -11.85
CA LEU A 376 -5.03 -6.97 -12.50
C LEU A 376 -5.81 -7.08 -13.80
N SER A 377 -5.16 -7.52 -14.86
CA SER A 377 -5.82 -7.67 -16.15
C SER A 377 -7.01 -8.62 -16.01
N PHE A 378 -7.98 -8.50 -16.91
CA PHE A 378 -9.17 -9.34 -16.88
C PHE A 378 -8.80 -10.82 -17.01
N THR A 379 -7.83 -11.10 -17.89
CA THR A 379 -7.38 -12.46 -18.14
C THR A 379 -6.60 -13.10 -16.99
N PHE A 380 -5.86 -12.28 -16.24
CA PHE A 380 -5.06 -12.77 -15.13
C PHE A 380 -5.81 -13.79 -14.28
CL CL B . -3.91 4.29 1.24
NA NA C . 0.01 -0.71 -15.04
NA NA D . 8.09 -16.67 16.97
O5' MTP E . 0.35 3.26 -6.18
C5' MTP E . -0.50 4.04 -7.03
C4' MTP E . -1.57 4.73 -6.18
O4' MTP E . -0.94 5.56 -5.19
C1' MTP E . -2.05 6.32 -4.71
N9 MTP E . -1.65 7.39 -3.78
C8 MTP E . -0.88 8.45 -4.06
N7 MTP E . -0.70 9.19 -2.97
C5 MTP E . -1.36 8.60 -1.96
C6 MTP E . -1.54 8.90 -0.63
S6 MTP E . -0.79 10.31 0.07
CS MTP E . -1.17 10.34 1.81
N1 MTP E . -2.30 8.08 0.12
C2 MTP E . -2.86 7.00 -0.39
N3 MTP E . -2.71 6.69 -1.67
C4 MTP E . -1.97 7.47 -2.48
C2' MTP E . -2.72 6.81 -5.99
O2' MTP E . -4.13 6.95 -5.82
C3' MTP E . -2.37 5.73 -7.02
O3' MTP E . -3.56 5.10 -7.48
PG ACP F . 8.61 2.55 -8.33
O1G ACP F . 8.31 3.52 -7.26
O2G ACP F . 10.20 2.41 -8.60
O3G ACP F . 7.96 2.98 -9.73
PB ACP F . 8.34 0.47 -6.25
O1B ACP F . 9.76 0.81 -5.97
O2B ACP F . 7.30 1.10 -5.41
C3B ACP F . 8.01 0.88 -7.98
PA ACP F . 9.40 -2.11 -6.52
O1A ACP F . 10.25 -1.42 -7.53
O2A ACP F . 10.01 -2.53 -5.24
O3A ACP F . 8.16 -1.13 -6.21
O5' ACP F . 8.70 -3.37 -7.22
C5' ACP F . 7.83 -4.23 -6.47
C4' ACP F . 7.59 -5.53 -7.23
O4' ACP F . 7.10 -5.30 -8.57
C3' ACP F . 8.90 -6.31 -7.42
O3' ACP F . 9.15 -7.08 -6.24
C2' ACP F . 8.45 -7.25 -8.54
O2' ACP F . 7.53 -8.22 -8.06
C1' ACP F . 7.74 -6.25 -9.46
N9 ACP F . 8.72 -5.51 -10.29
C8 ACP F . 9.06 -4.23 -10.16
N7 ACP F . 9.94 -3.91 -11.10
C5 ACP F . 10.17 -4.99 -11.84
C6 ACP F . 10.99 -5.26 -12.94
N6 ACP F . 11.75 -4.30 -13.46
N1 ACP F . 10.99 -6.54 -13.48
C2 ACP F . 10.17 -7.53 -12.91
N3 ACP F . 9.41 -7.25 -11.86
C4 ACP F . 9.39 -6.02 -11.32
#